data_9ODS
#
_entry.id   9ODS
#
_cell.length_a   92.559
_cell.length_b   86.279
_cell.length_c   90.972
_cell.angle_alpha   90.00
_cell.angle_beta   114.42
_cell.angle_gamma   90.00
#
_symmetry.space_group_name_H-M   'C 1 2 1'
#
loop_
_entity.id
_entity.type
_entity.pdbx_description
1 polymer 'Protein cereblon'
2 non-polymer "(1P)-1-[(4S)-8H-spiro[furo[2,3-c]imidazo[1,2-a]pyridine-7,4'-piperidin]-3-yl]pyrimidine-2,4(1H,3H)-dione"
3 non-polymer 'ZINC ION'
4 water water
#
_entity_poly.entity_id   1
_entity_poly.type   'polypeptide(L)'
_entity_poly.pdbx_seq_one_letter_code
;GPSTSLSCKQCQETEITTKNEIFSLSLSGPMAAYVNPHGYVHETLTVYKASNLNLIGRPSTEHSWFPGYAWTVAQCKICA
SHIGWKFTATKKDMSPQKFWGLTRSALLPTI
;
_entity_poly.pdbx_strand_id   A,B,C,D
#
loop_
_chem_comp.id
_chem_comp.type
_chem_comp.name
_chem_comp.formula
A1CAW non-polymer (1P)-1-[(4S)-8H-spiro[furo[2,3-c]imidazo[1,2-a]pyridine-7,4'-piperidin]-3-yl]pyrimidine-2,4(1H,3H)-dione 'C17 H17 N5 O3'
ZN non-polymer 'ZINC ION' 'Zn 2'
#
# COMPACT_ATOMS: atom_id res chain seq x y z
N THR A 4 -48.95 10.60 5.35
CA THR A 4 -48.29 11.87 5.73
C THR A 4 -46.78 11.64 5.79
N SER A 5 -46.16 11.46 4.62
CA SER A 5 -44.73 11.17 4.55
C SER A 5 -44.16 11.66 3.22
N LEU A 6 -43.08 12.44 3.30
CA LEU A 6 -42.44 13.03 2.14
C LEU A 6 -40.98 12.57 2.07
N SER A 7 -40.54 12.20 0.86
CA SER A 7 -39.27 11.51 0.68
C SER A 7 -38.43 12.22 -0.39
N CYS A 8 -37.11 11.95 -0.36
CA CYS A 8 -36.20 12.37 -1.40
C CYS A 8 -36.71 11.84 -2.74
N LYS A 9 -36.71 12.70 -3.76
CA LYS A 9 -37.23 12.35 -5.07
C LYS A 9 -36.25 11.42 -5.80
N GLN A 10 -34.95 11.59 -5.52
CA GLN A 10 -33.91 10.96 -6.33
C GLN A 10 -33.64 9.55 -5.80
N CYS A 11 -33.45 9.41 -4.48
CA CYS A 11 -33.15 8.11 -3.88
C CYS A 11 -34.43 7.42 -3.44
N GLN A 12 -35.42 8.20 -3.00
CA GLN A 12 -36.82 7.77 -2.90
C GLN A 12 -37.12 7.10 -1.56
N GLU A 13 -36.14 6.40 -0.99
CA GLU A 13 -36.34 5.60 0.20
C GLU A 13 -36.40 6.46 1.46
N THR A 14 -35.77 7.64 1.41
CA THR A 14 -35.44 8.42 2.59
C THR A 14 -36.60 9.34 2.95
N GLU A 15 -37.15 9.20 4.17
CA GLU A 15 -38.12 10.15 4.70
C GLU A 15 -37.38 11.40 5.16
N ILE A 16 -37.85 12.57 4.68
CA ILE A 16 -37.30 13.85 5.07
C ILE A 16 -38.19 14.46 6.14
N THR A 17 -39.49 14.55 5.85
CA THR A 17 -40.46 15.15 6.76
C THR A 17 -41.84 14.56 6.52
N THR A 18 -42.80 14.96 7.35
CA THR A 18 -44.19 14.56 7.23
C THR A 18 -45.04 15.80 6.97
N LYS A 19 -46.25 15.57 6.44
CA LYS A 19 -47.13 16.64 5.97
C LYS A 19 -47.67 17.47 7.14
N ASN A 20 -47.72 16.87 8.34
CA ASN A 20 -48.23 17.56 9.52
C ASN A 20 -47.08 18.29 10.24
N GLU A 21 -45.97 18.55 9.52
CA GLU A 21 -44.93 19.45 9.98
C GLU A 21 -44.99 20.76 9.20
N ILE A 22 -45.91 20.86 8.24
CA ILE A 22 -46.01 22.04 7.38
C ILE A 22 -46.58 23.20 8.20
N PHE A 23 -46.18 24.42 7.82
CA PHE A 23 -46.72 25.63 8.44
C PHE A 23 -46.51 26.81 7.48
N SER A 24 -47.35 27.84 7.65
CA SER A 24 -47.31 29.02 6.80
C SER A 24 -46.49 30.12 7.47
N LEU A 25 -45.36 30.47 6.85
CA LEU A 25 -44.55 31.60 7.29
C LEU A 25 -44.50 32.67 6.21
N SER A 26 -44.91 32.32 4.98
CA SER A 26 -45.27 33.32 4.00
C SER A 26 -46.48 34.11 4.51
N LEU A 27 -47.29 33.45 5.34
CA LEU A 27 -48.53 33.98 5.89
C LEU A 27 -49.55 34.19 4.77
N SER A 28 -49.07 34.20 3.51
CA SER A 28 -49.90 33.97 2.34
C SER A 28 -49.63 32.57 1.79
N GLY A 29 -49.54 31.58 2.69
CA GLY A 29 -49.45 30.18 2.32
C GLY A 29 -48.18 29.52 2.87
N PRO A 30 -48.18 28.18 3.07
CA PRO A 30 -46.94 27.45 3.34
C PRO A 30 -46.06 27.32 2.10
N MET A 31 -46.69 27.38 0.92
CA MET A 31 -46.02 27.25 -0.35
C MET A 31 -45.83 28.64 -0.97
N ALA A 32 -44.57 29.04 -1.16
CA ALA A 32 -44.25 30.31 -1.79
C ALA A 32 -43.32 30.07 -2.98
N ALA A 33 -42.91 31.16 -3.62
CA ALA A 33 -41.84 31.13 -4.61
C ALA A 33 -40.91 32.31 -4.40
N TYR A 34 -39.60 32.04 -4.34
CA TYR A 34 -38.62 33.06 -4.07
C TYR A 34 -37.59 33.09 -5.20
N VAL A 35 -37.00 34.25 -5.43
CA VAL A 35 -35.98 34.42 -6.45
C VAL A 35 -34.62 34.53 -5.77
N ASN A 36 -33.63 33.81 -6.30
CA ASN A 36 -32.27 33.85 -5.79
C ASN A 36 -31.55 35.01 -6.46
N PRO A 37 -30.29 35.34 -6.07
CA PRO A 37 -29.59 36.50 -6.61
C PRO A 37 -29.45 36.52 -8.14
N HIS A 38 -29.30 35.32 -8.73
CA HIS A 38 -29.07 35.20 -10.17
C HIS A 38 -30.38 35.23 -10.95
N GLY A 39 -31.51 35.29 -10.26
CA GLY A 39 -32.80 35.52 -10.91
C GLY A 39 -33.63 34.24 -11.06
N TYR A 40 -33.06 33.09 -10.67
CA TYR A 40 -33.75 31.82 -10.79
C TYR A 40 -34.80 31.70 -9.68
N VAL A 41 -35.96 31.15 -10.03
CA VAL A 41 -37.10 31.06 -9.14
C VAL A 41 -37.12 29.69 -8.47
N HIS A 42 -37.26 29.69 -7.14
CA HIS A 42 -37.37 28.46 -6.36
C HIS A 42 -38.74 28.41 -5.70
N GLU A 43 -39.46 27.30 -5.88
CA GLU A 43 -40.78 27.11 -5.29
C GLU A 43 -40.62 26.24 -4.04
N THR A 44 -40.88 26.84 -2.87
CA THR A 44 -40.45 26.30 -1.59
C THR A 44 -41.64 25.78 -0.79
N LEU A 45 -41.33 25.17 0.37
CA LEU A 45 -42.32 24.70 1.32
C LEU A 45 -41.72 24.76 2.73
N THR A 46 -42.29 25.62 3.59
CA THR A 46 -41.80 25.81 4.94
C THR A 46 -42.32 24.70 5.84
N VAL A 47 -41.41 24.04 6.58
CA VAL A 47 -41.76 23.00 7.54
C VAL A 47 -40.96 23.24 8.82
N TYR A 48 -41.52 22.79 9.95
CA TYR A 48 -40.93 23.01 11.26
C TYR A 48 -39.70 22.11 11.44
N LYS A 49 -39.84 20.84 11.05
CA LYS A 49 -38.84 19.83 11.34
C LYS A 49 -38.57 18.97 10.11
N ALA A 50 -37.29 18.60 9.95
CA ALA A 50 -36.87 17.66 8.92
C ALA A 50 -35.61 16.95 9.40
N SER A 51 -35.37 15.74 8.86
CA SER A 51 -34.23 14.93 9.26
C SER A 51 -33.71 14.13 8.06
N ASN A 52 -32.56 13.48 8.24
CA ASN A 52 -31.81 12.83 7.18
C ASN A 52 -31.25 13.90 6.24
N LEU A 53 -30.69 14.96 6.83
CA LEU A 53 -30.13 16.07 6.08
C LEU A 53 -28.75 16.40 6.62
N ASN A 54 -27.75 16.41 5.72
CA ASN A 54 -26.44 16.97 6.05
C ASN A 54 -26.45 18.45 5.69
N LEU A 55 -26.12 19.30 6.68
CA LEU A 55 -25.94 20.72 6.43
C LEU A 55 -24.54 20.94 5.88
N ILE A 56 -24.34 22.12 5.27
CA ILE A 56 -23.13 22.40 4.50
C ILE A 56 -22.92 23.91 4.42
N GLY A 57 -21.79 24.37 4.97
CA GLY A 57 -21.44 25.78 5.01
C GLY A 57 -21.91 26.44 6.30
N ARG A 58 -21.51 27.70 6.50
CA ARG A 58 -21.99 28.51 7.60
C ARG A 58 -23.38 29.03 7.27
N PRO A 59 -24.20 29.39 8.29
CA PRO A 59 -25.37 30.22 8.04
C PRO A 59 -25.01 31.58 7.44
N SER A 60 -25.74 31.98 6.40
CA SER A 60 -25.57 33.27 5.76
C SER A 60 -26.91 33.99 5.70
N THR A 61 -26.87 35.33 5.67
CA THR A 61 -28.06 36.15 5.54
C THR A 61 -28.01 36.96 4.25
N GLU A 62 -27.09 36.60 3.33
CA GLU A 62 -27.01 37.23 2.04
C GLU A 62 -28.26 36.88 1.23
N HIS A 63 -29.11 37.90 1.00
CA HIS A 63 -30.31 37.75 0.21
C HIS A 63 -31.20 36.66 0.83
N SER A 64 -31.45 36.80 2.13
CA SER A 64 -32.31 35.86 2.85
C SER A 64 -33.77 36.13 2.50
N TRP A 65 -34.52 35.06 2.28
CA TRP A 65 -35.92 35.14 1.86
C TRP A 65 -36.83 35.40 3.05
N PHE A 66 -36.33 35.13 4.26
CA PHE A 66 -37.05 35.42 5.49
C PHE A 66 -36.18 36.35 6.34
N PRO A 67 -36.32 37.69 6.20
CA PRO A 67 -35.52 38.62 7.00
C PRO A 67 -35.63 38.34 8.49
N GLY A 68 -34.48 38.33 9.17
CA GLY A 68 -34.37 37.86 10.54
C GLY A 68 -33.61 36.54 10.62
N TYR A 69 -33.72 35.72 9.56
CA TYR A 69 -33.17 34.37 9.55
C TYR A 69 -31.95 34.30 8.65
N ALA A 70 -31.08 33.32 8.94
CA ALA A 70 -29.95 32.96 8.09
C ALA A 70 -30.17 31.57 7.53
N TRP A 71 -29.62 31.31 6.34
CA TRP A 71 -29.86 30.07 5.62
C TRP A 71 -28.57 29.26 5.54
N THR A 72 -28.71 27.93 5.74
CA THR A 72 -27.65 26.97 5.48
C THR A 72 -28.18 25.95 4.47
N VAL A 73 -27.33 25.55 3.52
CA VAL A 73 -27.76 24.62 2.47
C VAL A 73 -27.97 23.25 3.10
N ALA A 74 -28.92 22.49 2.55
CA ALA A 74 -29.27 21.17 3.06
C ALA A 74 -29.30 20.17 1.92
N GLN A 75 -28.80 18.95 2.19
CA GLN A 75 -28.73 17.88 1.22
C GLN A 75 -29.19 16.57 1.82
N CYS A 76 -29.59 15.63 0.97
CA CYS A 76 -29.93 14.29 1.38
C CYS A 76 -28.70 13.61 1.97
N LYS A 77 -28.88 12.89 3.10
CA LYS A 77 -27.83 12.08 3.68
C LYS A 77 -27.31 11.08 2.65
N ILE A 78 -28.24 10.48 1.89
CA ILE A 78 -27.92 9.28 1.11
C ILE A 78 -27.31 9.69 -0.23
N CYS A 79 -28.03 10.50 -1.01
CA CYS A 79 -27.68 10.73 -2.40
C CYS A 79 -27.06 12.10 -2.63
N ALA A 80 -26.98 12.93 -1.58
CA ALA A 80 -26.39 14.26 -1.67
C ALA A 80 -27.17 15.16 -2.62
N SER A 81 -28.46 14.87 -2.81
CA SER A 81 -29.31 15.69 -3.64
C SER A 81 -29.76 16.91 -2.84
N HIS A 82 -29.68 18.10 -3.44
CA HIS A 82 -30.02 19.34 -2.77
C HIS A 82 -31.53 19.40 -2.53
N ILE A 83 -31.93 19.38 -1.25
CA ILE A 83 -33.33 19.35 -0.87
C ILE A 83 -33.81 20.78 -0.62
N GLY A 84 -33.07 21.54 0.18
CA GLY A 84 -33.47 22.91 0.47
C GLY A 84 -32.44 23.65 1.32
N TRP A 85 -32.94 24.53 2.20
CA TRP A 85 -32.12 25.31 3.11
C TRP A 85 -32.72 25.22 4.51
N LYS A 86 -31.87 25.39 5.53
CA LYS A 86 -32.31 25.46 6.91
C LYS A 86 -32.17 26.90 7.39
N PHE A 87 -33.25 27.42 8.00
CA PHE A 87 -33.29 28.80 8.44
C PHE A 87 -33.14 28.88 9.95
N THR A 88 -32.26 29.76 10.41
CA THR A 88 -31.96 29.93 11.82
C THR A 88 -32.07 31.41 12.19
N ALA A 89 -32.75 31.69 13.30
CA ALA A 89 -32.95 33.06 13.77
C ALA A 89 -31.61 33.67 14.20
N THR A 90 -31.53 35.01 14.14
CA THR A 90 -30.31 35.73 14.46
C THR A 90 -30.43 36.40 15.83
N LYS A 91 -31.62 36.33 16.45
CA LYS A 91 -31.81 36.80 17.81
C LYS A 91 -32.74 35.85 18.56
N LYS A 92 -32.76 36.00 19.90
CA LYS A 92 -33.46 35.09 20.80
C LYS A 92 -34.98 35.29 20.74
N ASP A 93 -35.42 36.50 20.37
CA ASP A 93 -36.79 36.91 20.57
C ASP A 93 -37.72 36.36 19.48
N MET A 94 -37.15 35.92 18.34
CA MET A 94 -37.94 35.48 17.20
C MET A 94 -38.57 34.12 17.49
N SER A 95 -39.58 33.78 16.69
CA SER A 95 -40.30 32.51 16.81
C SER A 95 -41.03 32.13 15.53
N PRO A 96 -40.77 30.96 14.90
CA PRO A 96 -39.84 29.96 15.44
C PRO A 96 -38.37 30.33 15.30
N GLN A 97 -37.52 29.64 16.07
CA GLN A 97 -36.09 29.90 16.10
C GLN A 97 -35.41 29.24 14.90
N LYS A 98 -35.97 28.10 14.45
CA LYS A 98 -35.43 27.40 13.29
C LYS A 98 -36.55 26.67 12.56
N PHE A 99 -36.43 26.59 11.24
CA PHE A 99 -37.35 25.86 10.38
C PHE A 99 -36.60 25.52 9.09
N TRP A 100 -37.32 24.93 8.12
CA TRP A 100 -36.71 24.48 6.88
C TRP A 100 -37.54 24.95 5.68
N GLY A 101 -36.84 25.39 4.62
CA GLY A 101 -37.45 25.73 3.35
C GLY A 101 -37.00 24.75 2.27
N LEU A 102 -37.93 23.89 1.81
CA LEU A 102 -37.60 22.76 0.96
C LEU A 102 -38.12 23.02 -0.46
N THR A 103 -37.34 22.56 -1.46
CA THR A 103 -37.76 22.59 -2.85
C THR A 103 -38.83 21.51 -3.06
N ARG A 104 -40.00 21.94 -3.53
CA ARG A 104 -41.13 21.04 -3.68
C ARG A 104 -40.86 20.00 -4.76
N SER A 105 -40.11 20.40 -5.79
CA SER A 105 -39.76 19.53 -6.90
C SER A 105 -38.59 18.62 -6.52
N ALA A 106 -38.26 18.54 -5.23
CA ALA A 106 -37.20 17.67 -4.75
C ALA A 106 -37.75 16.61 -3.80
N LEU A 107 -39.08 16.48 -3.72
CA LEU A 107 -39.73 15.62 -2.74
C LEU A 107 -40.82 14.79 -3.41
N LEU A 108 -41.26 13.75 -2.70
CA LEU A 108 -42.29 12.84 -3.18
C LEU A 108 -43.33 12.48 -2.13
N PRO A 109 -44.65 12.59 -2.41
CA PRO A 109 -45.14 13.13 -3.68
C PRO A 109 -44.95 14.64 -3.79
N THR A 110 -44.77 15.14 -5.02
CA THR A 110 -44.67 16.58 -5.25
C THR A 110 -46.07 17.18 -5.19
N ILE A 111 -46.21 18.22 -4.36
CA ILE A 111 -47.46 18.94 -4.21
C ILE A 111 -47.15 20.44 -4.05
N SER B 3 27.70 -43.06 4.45
CA SER B 3 27.45 -41.67 3.99
C SER B 3 28.65 -41.16 3.20
N THR B 4 28.60 -41.32 1.87
CA THR B 4 29.47 -40.60 0.96
C THR B 4 28.80 -39.27 0.65
N SER B 5 28.65 -38.41 1.67
CA SER B 5 27.88 -37.19 1.56
C SER B 5 28.44 -36.14 2.51
N LEU B 6 28.48 -34.89 2.02
CA LEU B 6 29.01 -33.76 2.76
C LEU B 6 27.98 -32.61 2.71
N SER B 7 27.84 -31.90 3.84
CA SER B 7 26.77 -30.94 4.01
C SER B 7 27.29 -29.63 4.60
N CYS B 8 26.47 -28.57 4.45
CA CYS B 8 26.71 -27.29 5.09
C CYS B 8 26.76 -27.49 6.60
N LYS B 9 27.71 -26.82 7.26
CA LYS B 9 27.87 -26.95 8.71
C LYS B 9 26.79 -26.15 9.42
N GLN B 10 26.39 -25.02 8.83
CA GLN B 10 25.56 -24.06 9.54
C GLN B 10 24.10 -24.48 9.50
N CYS B 11 23.60 -24.86 8.31
CA CYS B 11 22.19 -25.23 8.17
C CYS B 11 22.03 -26.75 8.24
N GLN B 12 23.02 -27.50 7.73
CA GLN B 12 23.22 -28.91 8.04
C GLN B 12 22.41 -29.81 7.12
N GLU B 13 21.24 -29.37 6.67
CA GLU B 13 20.33 -30.20 5.91
C GLU B 13 20.81 -30.38 4.47
N THR B 14 21.65 -29.45 3.99
CA THR B 14 21.94 -29.30 2.59
C THR B 14 23.15 -30.14 2.19
N GLU B 15 22.95 -31.11 1.29
CA GLU B 15 24.06 -31.81 0.65
C GLU B 15 24.72 -30.85 -0.33
N ILE B 16 26.05 -30.70 -0.21
CA ILE B 16 26.82 -29.90 -1.14
C ILE B 16 27.43 -30.82 -2.19
N THR B 17 28.17 -31.82 -1.73
CA THR B 17 28.82 -32.78 -2.62
C THR B 17 28.94 -34.13 -1.92
N THR B 18 29.53 -35.11 -2.62
CA THR B 18 29.74 -36.45 -2.10
C THR B 18 31.24 -36.74 -2.08
N LYS B 19 31.65 -37.64 -1.16
CA LYS B 19 33.05 -37.98 -0.94
C LYS B 19 33.72 -38.43 -2.23
N ASN B 20 33.00 -39.18 -3.08
CA ASN B 20 33.57 -39.69 -4.32
C ASN B 20 33.41 -38.66 -5.43
N GLU B 21 33.50 -37.36 -5.07
CA GLU B 21 33.72 -36.28 -6.03
C GLU B 21 35.10 -35.65 -5.80
N ILE B 22 35.79 -36.08 -4.73
CA ILE B 22 37.05 -35.49 -4.34
C ILE B 22 38.12 -35.87 -5.35
N PHE B 23 39.12 -34.99 -5.52
CA PHE B 23 40.28 -35.27 -6.34
C PHE B 23 41.43 -34.37 -5.88
N SER B 24 42.67 -34.83 -6.11
CA SER B 24 43.86 -34.08 -5.75
C SER B 24 44.23 -33.11 -6.85
N LEU B 25 44.68 -31.91 -6.48
CA LEU B 25 45.19 -30.94 -7.45
C LEU B 25 46.44 -30.27 -6.90
N SER B 26 47.12 -30.92 -5.95
CA SER B 26 48.25 -30.32 -5.25
C SER B 26 49.22 -31.41 -4.79
N LEU B 27 50.23 -31.02 -4.01
CA LEU B 27 51.22 -31.93 -3.47
C LEU B 27 50.69 -32.60 -2.21
N SER B 28 49.99 -31.82 -1.37
CA SER B 28 49.39 -32.33 -0.15
C SER B 28 48.15 -33.17 -0.47
N GLY B 29 47.88 -33.39 -1.76
CA GLY B 29 46.76 -34.21 -2.20
C GLY B 29 45.53 -33.36 -2.46
N PRO B 30 44.32 -33.82 -2.07
CA PRO B 30 43.12 -33.00 -2.20
C PRO B 30 43.08 -31.86 -1.19
N MET B 31 43.57 -32.12 0.01
CA MET B 31 43.59 -31.14 1.09
C MET B 31 44.84 -30.28 0.98
N ALA B 32 44.64 -28.96 0.88
CA ALA B 32 45.73 -28.00 0.91
C ALA B 32 45.43 -26.92 1.93
N ALA B 33 46.34 -25.95 2.06
CA ALA B 33 46.08 -24.73 2.82
C ALA B 33 46.69 -23.56 2.08
N TYR B 34 45.87 -22.55 1.77
CA TYR B 34 46.29 -21.39 1.01
C TYR B 34 46.13 -20.14 1.86
N VAL B 35 46.93 -19.12 1.53
CA VAL B 35 46.85 -17.83 2.20
C VAL B 35 46.27 -16.83 1.21
N ASN B 36 45.36 -15.97 1.71
CA ASN B 36 44.73 -14.94 0.89
C ASN B 36 45.61 -13.69 0.96
N PRO B 37 45.29 -12.60 0.23
CA PRO B 37 46.13 -11.41 0.21
C PRO B 37 46.31 -10.75 1.58
N HIS B 38 45.29 -10.85 2.43
CA HIS B 38 45.32 -10.25 3.75
C HIS B 38 46.10 -11.11 4.75
N GLY B 39 46.49 -12.32 4.32
CA GLY B 39 47.41 -13.14 5.09
C GLY B 39 46.70 -14.25 5.88
N TYR B 40 45.36 -14.30 5.81
CA TYR B 40 44.60 -15.31 6.51
C TYR B 40 44.72 -16.64 5.77
N VAL B 41 44.81 -17.74 6.53
CA VAL B 41 45.05 -19.06 5.97
C VAL B 41 43.72 -19.77 5.79
N HIS B 42 43.50 -20.32 4.60
CA HIS B 42 42.30 -21.08 4.26
C HIS B 42 42.67 -22.53 4.00
N GLU B 43 42.02 -23.46 4.72
CA GLU B 43 42.27 -24.88 4.56
C GLU B 43 41.16 -25.47 3.70
N THR B 44 41.53 -25.96 2.50
CA THR B 44 40.59 -26.19 1.42
C THR B 44 40.51 -27.67 1.08
N LEU B 45 39.59 -28.00 0.16
CA LEU B 45 39.38 -29.34 -0.35
C LEU B 45 38.84 -29.23 -1.78
N THR B 46 39.58 -29.80 -2.75
CA THR B 46 39.20 -29.74 -4.15
C THR B 46 38.23 -30.88 -4.47
N VAL B 47 37.12 -30.54 -5.14
CA VAL B 47 36.16 -31.52 -5.64
C VAL B 47 35.78 -31.14 -7.07
N TYR B 48 35.37 -32.16 -7.84
CA TYR B 48 34.98 -31.99 -9.23
C TYR B 48 33.66 -31.23 -9.33
N LYS B 49 32.69 -31.63 -8.49
CA LYS B 49 31.31 -31.20 -8.65
C LYS B 49 30.68 -30.91 -7.29
N ALA B 50 29.79 -29.92 -7.28
CA ALA B 50 29.04 -29.52 -6.09
C ALA B 50 27.77 -28.80 -6.52
N SER B 51 26.74 -28.83 -5.67
CA SER B 51 25.45 -28.25 -5.98
C SER B 51 24.82 -27.67 -4.71
N ASN B 52 23.75 -26.89 -4.90
CA ASN B 52 23.11 -26.11 -3.85
C ASN B 52 24.00 -24.93 -3.46
N LEU B 53 24.58 -24.27 -4.48
CA LEU B 53 25.49 -23.15 -4.26
C LEU B 53 25.11 -21.99 -5.17
N ASN B 54 24.96 -20.80 -4.58
CA ASN B 54 24.78 -19.58 -5.33
C ASN B 54 26.16 -18.96 -5.60
N LEU B 55 26.49 -18.79 -6.88
CA LEU B 55 27.68 -18.07 -7.29
C LEU B 55 27.41 -16.58 -7.23
N ILE B 56 28.46 -15.81 -6.99
CA ILE B 56 28.34 -14.39 -6.68
C ILE B 56 29.59 -13.66 -7.17
N GLY B 57 29.37 -12.63 -7.99
CA GLY B 57 30.45 -11.85 -8.59
C GLY B 57 30.95 -12.48 -9.88
N ARG B 58 31.87 -11.78 -10.57
CA ARG B 58 32.55 -12.32 -11.74
C ARG B 58 33.65 -13.27 -11.30
N PRO B 59 34.13 -14.17 -12.19
CA PRO B 59 35.43 -14.82 -11.97
C PRO B 59 36.58 -13.81 -11.96
N SER B 60 37.50 -13.98 -11.00
CA SER B 60 38.66 -13.12 -10.85
C SER B 60 39.91 -13.98 -10.74
N THR B 61 41.05 -13.47 -11.25
CA THR B 61 42.31 -14.18 -11.21
C THR B 61 43.29 -13.47 -10.27
N GLU B 62 42.81 -12.45 -9.55
CA GLU B 62 43.62 -11.76 -8.55
C GLU B 62 44.03 -12.76 -7.46
N HIS B 63 45.32 -13.10 -7.43
CA HIS B 63 45.89 -13.95 -6.40
C HIS B 63 45.21 -15.32 -6.40
N SER B 64 45.10 -15.93 -7.60
CA SER B 64 44.50 -17.24 -7.74
C SER B 64 45.44 -18.31 -7.22
N TRP B 65 44.90 -19.24 -6.41
CA TRP B 65 45.68 -20.29 -5.77
C TRP B 65 46.01 -21.39 -6.77
N PHE B 66 45.26 -21.45 -7.87
CA PHE B 66 45.56 -22.37 -8.96
C PHE B 66 45.81 -21.53 -10.21
N PRO B 67 47.08 -21.25 -10.57
CA PRO B 67 47.38 -20.49 -11.79
C PRO B 67 46.76 -21.12 -13.03
N GLY B 68 46.12 -20.28 -13.85
CA GLY B 68 45.36 -20.74 -15.01
C GLY B 68 43.85 -20.63 -14.78
N TYR B 69 43.43 -20.61 -13.51
CA TYR B 69 42.02 -20.59 -13.15
C TYR B 69 41.64 -19.22 -12.59
N ALA B 70 40.33 -18.93 -12.65
CA ALA B 70 39.74 -17.79 -11.96
C ALA B 70 38.79 -18.29 -10.90
N TRP B 71 38.53 -17.47 -9.87
CA TRP B 71 37.70 -17.88 -8.75
C TRP B 71 36.46 -17.01 -8.67
N THR B 72 35.30 -17.66 -8.46
CA THR B 72 34.06 -17.00 -8.10
C THR B 72 33.65 -17.49 -6.72
N VAL B 73 33.13 -16.59 -5.88
CA VAL B 73 32.74 -16.93 -4.51
C VAL B 73 31.50 -17.81 -4.56
N ALA B 74 31.40 -18.75 -3.60
CA ALA B 74 30.31 -19.72 -3.57
C ALA B 74 29.70 -19.76 -2.18
N GLN B 75 28.36 -19.69 -2.12
CA GLN B 75 27.60 -19.63 -0.88
C GLN B 75 26.54 -20.72 -0.87
N CYS B 76 26.09 -21.08 0.33
CA CYS B 76 24.98 -22.01 0.50
C CYS B 76 23.69 -21.34 0.01
N LYS B 77 22.89 -22.09 -0.76
CA LYS B 77 21.59 -21.64 -1.20
C LYS B 77 20.74 -21.20 -0.02
N ILE B 78 20.75 -22.02 1.04
CA ILE B 78 19.78 -21.90 2.13
C ILE B 78 20.18 -20.77 3.07
N CYS B 79 21.34 -20.91 3.73
CA CYS B 79 21.69 -20.05 4.85
C CYS B 79 22.66 -18.93 4.46
N ALA B 80 23.11 -18.93 3.20
CA ALA B 80 24.04 -17.93 2.70
C ALA B 80 25.39 -18.02 3.40
N SER B 81 25.72 -19.21 3.92
CA SER B 81 27.02 -19.44 4.51
C SER B 81 28.06 -19.61 3.40
N HIS B 82 29.19 -18.92 3.54
CA HIS B 82 30.28 -19.01 2.58
C HIS B 82 30.91 -20.41 2.69
N ILE B 83 30.85 -21.16 1.58
CA ILE B 83 31.35 -22.53 1.56
C ILE B 83 32.72 -22.56 0.90
N GLY B 84 32.88 -21.86 -0.23
CA GLY B 84 34.19 -21.78 -0.87
C GLY B 84 34.17 -20.95 -2.15
N TRP B 85 34.95 -21.41 -3.14
CA TRP B 85 35.07 -20.76 -4.42
C TRP B 85 34.92 -21.79 -5.54
N LYS B 86 34.48 -21.33 -6.71
CA LYS B 86 34.42 -22.16 -7.90
C LYS B 86 35.52 -21.71 -8.85
N PHE B 87 36.31 -22.67 -9.33
CA PHE B 87 37.45 -22.38 -10.19
C PHE B 87 37.10 -22.74 -11.63
N THR B 88 37.33 -21.78 -12.54
CA THR B 88 37.04 -21.94 -13.95
C THR B 88 38.29 -21.61 -14.77
N ALA B 89 38.56 -22.44 -15.78
CA ALA B 89 39.74 -22.30 -16.62
C ALA B 89 39.64 -21.03 -17.47
N THR B 90 40.81 -20.53 -17.90
CA THR B 90 40.89 -19.29 -18.67
C THR B 90 41.27 -19.56 -20.12
N LYS B 91 41.53 -20.83 -20.46
CA LYS B 91 41.73 -21.26 -21.83
C LYS B 91 41.10 -22.63 -22.04
N LYS B 92 40.90 -23.00 -23.31
CA LYS B 92 40.14 -24.19 -23.68
C LYS B 92 40.92 -25.46 -23.39
N ASP B 93 42.25 -25.37 -23.33
CA ASP B 93 43.12 -26.54 -23.39
C ASP B 93 43.31 -27.18 -22.00
N MET B 94 42.89 -26.49 -20.94
CA MET B 94 43.13 -26.96 -19.58
C MET B 94 42.17 -28.11 -19.24
N SER B 95 42.48 -28.83 -18.15
CA SER B 95 41.71 -29.98 -17.71
C SER B 95 42.00 -30.35 -16.26
N PRO B 96 41.01 -30.36 -15.33
CA PRO B 96 39.62 -30.04 -15.66
C PRO B 96 39.38 -28.57 -15.97
N GLN B 97 38.23 -28.28 -16.57
CA GLN B 97 37.87 -26.93 -16.99
C GLN B 97 37.24 -26.17 -15.81
N LYS B 98 36.53 -26.89 -14.94
CA LYS B 98 35.99 -26.29 -13.73
C LYS B 98 36.07 -27.29 -12.57
N PHE B 99 36.20 -26.74 -11.35
CA PHE B 99 36.17 -27.53 -10.12
C PHE B 99 35.82 -26.57 -8.98
N TRP B 100 35.78 -27.11 -7.75
CA TRP B 100 35.42 -26.33 -6.57
C TRP B 100 36.48 -26.50 -5.49
N GLY B 101 36.80 -25.40 -4.79
CA GLY B 101 37.63 -25.44 -3.60
C GLY B 101 36.83 -25.00 -2.38
N LEU B 102 36.62 -25.92 -1.43
CA LEU B 102 35.70 -25.73 -0.32
C LEU B 102 36.47 -25.56 0.99
N THR B 103 35.97 -24.68 1.86
CA THR B 103 36.48 -24.55 3.21
C THR B 103 36.05 -25.79 4.00
N ARG B 104 37.04 -26.55 4.50
CA ARG B 104 36.78 -27.81 5.18
C ARG B 104 36.00 -27.56 6.48
N SER B 105 36.26 -26.43 7.13
CA SER B 105 35.62 -26.08 8.39
C SER B 105 34.19 -25.59 8.16
N ALA B 106 33.71 -25.60 6.91
CA ALA B 106 32.37 -25.17 6.58
C ALA B 106 31.49 -26.35 6.18
N LEU B 107 31.94 -27.57 6.51
CA LEU B 107 31.26 -28.78 6.06
C LEU B 107 31.14 -29.79 7.20
N LEU B 108 30.28 -30.80 7.00
CA LEU B 108 30.07 -31.87 7.96
C LEU B 108 29.97 -33.25 7.32
N PRO B 109 30.79 -34.25 7.75
CA PRO B 109 31.87 -34.02 8.71
C PRO B 109 33.02 -33.19 8.14
N THR B 110 33.67 -32.40 9.01
CA THR B 110 34.72 -31.47 8.60
C THR B 110 35.72 -32.18 7.71
N SER C 3 2.72 22.87 13.31
CA SER C 3 1.40 22.40 12.80
C SER C 3 1.43 20.89 12.60
N THR C 4 0.81 20.17 13.55
CA THR C 4 0.48 18.76 13.36
C THR C 4 -0.93 18.67 12.77
N SER C 5 -1.34 19.69 12.00
CA SER C 5 -2.73 19.84 11.59
C SER C 5 -2.84 19.71 10.08
N LEU C 6 -4.00 19.19 9.64
CA LEU C 6 -4.25 18.94 8.22
C LEU C 6 -5.61 19.51 7.83
N SER C 7 -5.63 20.35 6.79
CA SER C 7 -6.79 21.15 6.44
C SER C 7 -7.31 20.76 5.06
N CYS C 8 -8.60 21.07 4.82
CA CYS C 8 -9.22 20.93 3.51
C CYS C 8 -8.51 21.85 2.52
N LYS C 9 -8.10 21.28 1.39
CA LYS C 9 -7.33 22.03 0.40
C LYS C 9 -8.17 23.16 -0.20
N GLN C 10 -9.47 22.91 -0.36
CA GLN C 10 -10.33 23.82 -1.11
C GLN C 10 -10.62 25.06 -0.27
N CYS C 11 -11.22 24.88 0.91
CA CYS C 11 -11.64 26.01 1.74
C CYS C 11 -10.53 26.44 2.71
N GLN C 12 -9.63 25.51 3.05
CA GLN C 12 -8.34 25.83 3.67
C GLN C 12 -8.49 26.10 5.17
N GLU C 13 -9.69 26.50 5.62
CA GLU C 13 -9.89 26.97 6.98
C GLU C 13 -10.17 25.82 7.93
N THR C 14 -10.61 24.68 7.38
CA THR C 14 -11.18 23.60 8.18
C THR C 14 -10.10 22.57 8.52
N GLU C 15 -9.92 22.31 9.82
CA GLU C 15 -9.07 21.23 10.28
C GLU C 15 -9.84 19.92 10.17
N ILE C 16 -9.24 18.91 9.51
CA ILE C 16 -9.85 17.62 9.33
C ILE C 16 -9.28 16.65 10.37
N THR C 17 -7.94 16.55 10.42
CA THR C 17 -7.27 15.66 11.36
C THR C 17 -5.88 16.22 11.70
N THR C 18 -5.19 15.51 12.59
CA THR C 18 -3.84 15.87 13.02
C THR C 18 -2.89 14.72 12.70
N LYS C 19 -1.60 15.07 12.51
CA LYS C 19 -0.58 14.14 12.07
C LYS C 19 -0.42 12.98 13.05
N ASN C 20 -0.69 13.22 14.34
CA ASN C 20 -0.50 12.20 15.37
C ASN C 20 -1.78 11.38 15.53
N GLU C 21 -2.65 11.37 14.51
CA GLU C 21 -3.72 10.39 14.40
C GLU C 21 -3.40 9.39 13.29
N ILE C 22 -2.26 9.56 12.61
CA ILE C 22 -1.85 8.68 11.54
C ILE C 22 -1.45 7.33 12.13
N PHE C 23 -1.73 6.24 11.40
CA PHE C 23 -1.39 4.91 11.88
C PHE C 23 -1.24 3.95 10.70
N SER C 24 -0.67 2.78 10.99
CA SER C 24 -0.56 1.68 10.07
C SER C 24 -1.66 0.66 10.36
N LEU C 25 -2.42 0.27 9.32
CA LEU C 25 -3.39 -0.80 9.43
C LEU C 25 -2.72 -2.10 9.01
N SER C 26 -2.96 -3.18 9.78
CA SER C 26 -2.36 -4.48 9.53
C SER C 26 -0.87 -4.32 9.28
N LEU C 27 -0.41 -4.68 8.06
CA LEU C 27 0.99 -4.55 7.70
C LEU C 27 1.16 -3.47 6.63
N SER C 28 0.09 -2.71 6.36
CA SER C 28 0.13 -1.60 5.43
C SER C 28 0.80 -0.41 6.11
N GLY C 29 1.66 0.30 5.37
CA GLY C 29 2.19 1.58 5.82
C GLY C 29 1.06 2.60 5.93
N PRO C 30 1.31 3.79 6.53
CA PRO C 30 0.25 4.78 6.70
C PRO C 30 -0.17 5.43 5.38
N MET C 31 0.80 5.64 4.49
CA MET C 31 0.55 6.28 3.20
C MET C 31 0.57 5.23 2.10
N ALA C 32 -0.61 4.68 1.80
CA ALA C 32 -0.75 3.67 0.76
C ALA C 32 -1.28 4.32 -0.50
N ALA C 33 -1.37 3.51 -1.57
CA ALA C 33 -2.10 3.85 -2.77
C ALA C 33 -2.89 2.63 -3.23
N TYR C 34 -4.18 2.84 -3.53
CA TYR C 34 -5.04 1.76 -3.98
C TYR C 34 -5.66 2.16 -5.32
N VAL C 35 -6.18 1.16 -6.03
CA VAL C 35 -6.76 1.37 -7.34
C VAL C 35 -8.26 1.13 -7.25
N ASN C 36 -9.03 2.03 -7.89
CA ASN C 36 -10.48 2.00 -7.82
C ASN C 36 -11.01 1.12 -8.96
N PRO C 37 -12.34 0.87 -9.04
CA PRO C 37 -12.88 -0.02 -10.06
C PRO C 37 -12.54 0.35 -11.50
N HIS C 38 -12.48 1.66 -11.79
CA HIS C 38 -12.25 2.13 -13.14
C HIS C 38 -10.77 2.46 -13.36
N GLY C 39 -9.88 1.90 -12.54
CA GLY C 39 -8.47 1.76 -12.90
C GLY C 39 -7.58 2.87 -12.37
N TYR C 40 -8.15 3.85 -11.65
CA TYR C 40 -7.38 5.00 -11.18
C TYR C 40 -6.70 4.67 -9.86
N VAL C 41 -5.47 5.19 -9.68
CA VAL C 41 -4.65 4.92 -8.52
C VAL C 41 -4.79 6.04 -7.50
N HIS C 42 -5.62 5.82 -6.48
CA HIS C 42 -5.80 6.74 -5.37
C HIS C 42 -4.61 6.62 -4.42
N GLU C 43 -4.18 7.77 -3.86
CA GLU C 43 -3.15 7.80 -2.83
C GLU C 43 -3.79 8.29 -1.52
N THR C 44 -3.69 7.44 -0.48
CA THR C 44 -4.52 7.57 0.71
C THR C 44 -3.65 7.74 1.95
N LEU C 45 -4.31 8.11 3.04
CA LEU C 45 -3.69 8.25 4.35
C LEU C 45 -4.66 7.76 5.42
N THR C 46 -4.27 6.70 6.14
CA THR C 46 -5.11 6.14 7.19
C THR C 46 -4.87 6.90 8.49
N VAL C 47 -5.95 7.40 9.09
CA VAL C 47 -5.91 8.05 10.39
C VAL C 47 -7.00 7.46 11.27
N TYR C 48 -6.79 7.52 12.59
CA TYR C 48 -7.73 6.98 13.56
C TYR C 48 -8.97 7.86 13.64
N LYS C 49 -8.77 9.19 13.60
CA LYS C 49 -9.85 10.12 13.87
C LYS C 49 -9.77 11.32 12.93
N ALA C 50 -10.96 11.75 12.48
CA ALA C 50 -11.14 13.00 11.75
C ALA C 50 -12.46 13.64 12.18
N SER C 51 -12.63 14.92 11.84
CA SER C 51 -13.86 15.64 12.15
C SER C 51 -14.09 16.74 11.12
N ASN C 52 -15.24 17.42 11.23
CA ASN C 52 -15.70 18.38 10.23
C ASN C 52 -15.95 17.65 8.91
N LEU C 53 -16.56 16.47 9.01
CA LEU C 53 -16.86 15.66 7.83
C LEU C 53 -18.33 15.24 7.87
N ASN C 54 -19.03 15.48 6.75
CA ASN C 54 -20.34 14.91 6.52
C ASN C 54 -20.17 13.55 5.87
N LEU C 55 -20.81 12.53 6.45
CA LEU C 55 -20.92 11.23 5.81
C LEU C 55 -22.11 11.26 4.87
N ILE C 56 -22.10 10.35 3.89
CA ILE C 56 -23.04 10.39 2.78
C ILE C 56 -23.15 8.99 2.18
N GLY C 57 -24.37 8.43 2.23
CA GLY C 57 -24.65 7.09 1.72
C GLY C 57 -24.49 6.04 2.83
N ARG C 58 -24.86 4.79 2.50
CA ARG C 58 -24.67 3.66 3.39
C ARG C 58 -23.23 3.16 3.28
N PRO C 59 -22.71 2.47 4.32
CA PRO C 59 -21.52 1.64 4.16
C PRO C 59 -21.68 0.58 3.09
N SER C 60 -20.63 0.38 2.28
CA SER C 60 -20.59 -0.64 1.25
C SER C 60 -19.27 -1.38 1.32
N THR C 61 -19.30 -2.69 0.99
CA THR C 61 -18.11 -3.52 0.96
C THR C 61 -17.69 -3.81 -0.48
N GLU C 62 -18.39 -3.21 -1.44
CA GLU C 62 -18.05 -3.35 -2.84
C GLU C 62 -16.65 -2.78 -3.07
N HIS C 63 -15.71 -3.67 -3.41
CA HIS C 63 -14.39 -3.26 -3.88
C HIS C 63 -13.62 -2.58 -2.75
N SER C 64 -13.83 -3.05 -1.51
CA SER C 64 -13.20 -2.45 -0.34
C SER C 64 -11.69 -2.69 -0.37
N TRP C 65 -10.92 -1.65 -0.04
CA TRP C 65 -9.47 -1.71 -0.08
C TRP C 65 -8.89 -2.33 1.18
N PHE C 66 -9.72 -2.43 2.23
CA PHE C 66 -9.33 -3.06 3.48
C PHE C 66 -10.32 -4.18 3.79
N PRO C 67 -10.03 -5.43 3.38
CA PRO C 67 -10.98 -6.53 3.55
C PRO C 67 -11.46 -6.66 5.00
N GLY C 68 -12.78 -6.70 5.18
CA GLY C 68 -13.40 -6.75 6.49
C GLY C 68 -14.12 -5.45 6.84
N TYR C 69 -13.82 -4.38 6.09
CA TYR C 69 -14.37 -3.06 6.36
C TYR C 69 -15.30 -2.63 5.23
N ALA C 70 -16.29 -1.80 5.59
CA ALA C 70 -17.13 -1.11 4.64
C ALA C 70 -16.70 0.35 4.57
N TRP C 71 -17.00 1.01 3.44
CA TRP C 71 -16.62 2.40 3.23
C TRP C 71 -17.85 3.27 3.01
N THR C 72 -17.85 4.45 3.64
CA THR C 72 -18.82 5.50 3.35
C THR C 72 -18.04 6.75 2.97
N VAL C 73 -18.56 7.49 1.97
CA VAL C 73 -17.88 8.66 1.44
C VAL C 73 -17.92 9.78 2.49
N ALA C 74 -16.88 10.62 2.49
CA ALA C 74 -16.72 11.66 3.49
C ALA C 74 -16.44 13.01 2.82
N GLN C 75 -17.21 14.03 3.20
CA GLN C 75 -17.11 15.36 2.61
C GLN C 75 -16.82 16.41 3.68
N CYS C 76 -16.12 17.47 3.26
CA CYS C 76 -15.92 18.64 4.11
C CYS C 76 -17.26 19.27 4.44
N LYS C 77 -17.49 19.54 5.74
CA LYS C 77 -18.71 20.19 6.22
C LYS C 77 -18.97 21.50 5.48
N ILE C 78 -17.90 22.22 5.14
CA ILE C 78 -18.01 23.59 4.68
C ILE C 78 -18.27 23.64 3.18
N CYS C 79 -17.33 23.11 2.38
CA CYS C 79 -17.34 23.30 0.94
C CYS C 79 -17.83 22.05 0.20
N ALA C 80 -18.16 20.98 0.95
CA ALA C 80 -18.68 19.74 0.39
C ALA C 80 -17.66 19.06 -0.53
N SER C 81 -16.38 19.40 -0.35
CA SER C 81 -15.31 18.79 -1.11
C SER C 81 -15.06 17.37 -0.60
N HIS C 82 -15.04 16.40 -1.51
CA HIS C 82 -14.76 15.01 -1.17
C HIS C 82 -13.34 14.93 -0.63
N ILE C 83 -13.19 14.42 0.59
CA ILE C 83 -11.89 14.31 1.25
C ILE C 83 -11.44 12.85 1.23
N GLY C 84 -12.35 11.92 1.55
CA GLY C 84 -12.03 10.51 1.56
C GLY C 84 -13.24 9.65 1.94
N TRP C 85 -12.97 8.56 2.66
CA TRP C 85 -14.01 7.63 3.11
C TRP C 85 -13.81 7.32 4.59
N LYS C 86 -14.87 6.79 5.21
CA LYS C 86 -14.83 6.31 6.57
C LYS C 86 -15.06 4.80 6.57
N PHE C 87 -14.10 4.07 7.16
CA PHE C 87 -14.15 2.61 7.17
C PHE C 87 -14.75 2.14 8.49
N THR C 88 -15.71 1.21 8.38
CA THR C 88 -16.39 0.64 9.53
C THR C 88 -16.30 -0.88 9.45
N ALA C 89 -15.94 -1.53 10.57
CA ALA C 89 -15.76 -2.97 10.61
C ALA C 89 -17.11 -3.66 10.44
N THR C 90 -17.07 -4.90 9.93
CA THR C 90 -18.28 -5.65 9.64
C THR C 90 -18.56 -6.69 10.74
N LYS C 91 -17.62 -6.85 11.68
CA LYS C 91 -17.80 -7.76 12.80
C LYS C 91 -17.26 -7.10 14.07
N LYS C 92 -17.68 -7.64 15.23
CA LYS C 92 -17.41 -7.04 16.52
C LYS C 92 -15.96 -7.24 16.93
N ASP C 93 -15.33 -8.33 16.45
CA ASP C 93 -14.06 -8.79 16.98
C ASP C 93 -12.88 -8.02 16.37
N MET C 94 -13.11 -7.35 15.22
CA MET C 94 -12.04 -6.68 14.50
C MET C 94 -11.57 -5.45 15.29
N SER C 95 -10.38 -4.95 14.91
CA SER C 95 -9.77 -3.80 15.54
C SER C 95 -8.78 -3.09 14.61
N PRO C 96 -8.86 -1.75 14.40
CA PRO C 96 -9.90 -0.91 15.00
C PRO C 96 -11.28 -1.12 14.39
N GLN C 97 -12.32 -0.60 15.06
CA GLN C 97 -13.69 -0.79 14.62
C GLN C 97 -14.04 0.23 13.54
N LYS C 98 -13.37 1.40 13.56
CA LYS C 98 -13.54 2.38 12.51
C LYS C 98 -12.24 3.18 12.35
N PHE C 99 -12.05 3.73 11.14
CA PHE C 99 -10.93 4.61 10.85
C PHE C 99 -11.26 5.39 9.58
N TRP C 100 -10.30 6.19 9.10
CA TRP C 100 -10.52 7.06 7.95
C TRP C 100 -9.37 6.92 6.95
N GLY C 101 -9.70 6.65 5.70
CA GLY C 101 -8.77 6.73 4.59
C GLY C 101 -9.01 8.00 3.79
N LEU C 102 -8.00 8.88 3.73
CA LEU C 102 -8.16 10.22 3.19
C LEU C 102 -7.33 10.40 1.92
N THR C 103 -7.90 11.11 0.94
CA THR C 103 -7.17 11.51 -0.24
C THR C 103 -6.13 12.55 0.17
N ARG C 104 -4.85 12.26 -0.13
CA ARG C 104 -3.75 13.10 0.29
C ARG C 104 -3.75 14.42 -0.48
N SER C 105 -4.22 14.37 -1.74
CA SER C 105 -4.29 15.54 -2.60
C SER C 105 -5.52 16.38 -2.30
N ALA C 106 -6.22 16.08 -1.19
CA ALA C 106 -7.36 16.86 -0.76
C ALA C 106 -7.04 17.64 0.52
N LEU C 107 -5.80 17.55 1.00
CA LEU C 107 -5.43 18.07 2.31
C LEU C 107 -4.25 19.03 2.19
N LEU C 108 -4.01 19.77 3.29
CA LEU C 108 -2.93 20.74 3.37
C LEU C 108 -2.22 20.73 4.71
N PRO C 109 -0.87 20.58 4.77
CA PRO C 109 -0.06 20.39 3.57
C PRO C 109 -0.24 19.00 2.94
N THR C 110 0.04 18.92 1.63
CA THR C 110 0.03 17.65 0.94
C THR C 110 1.30 16.89 1.31
N ILE C 111 1.19 15.55 1.36
CA ILE C 111 2.26 14.70 1.84
C ILE C 111 2.17 13.33 1.13
N SER D 3 15.67 5.41 -20.70
CA SER D 3 16.06 4.14 -20.04
C SER D 3 14.91 3.62 -19.17
N THR D 4 14.23 2.59 -19.65
CA THR D 4 13.26 1.85 -18.86
C THR D 4 14.00 0.76 -18.09
N SER D 5 14.93 1.16 -17.21
CA SER D 5 15.88 0.21 -16.63
C SER D 5 16.20 0.60 -15.19
N LEU D 6 16.24 -0.43 -14.32
CA LEU D 6 16.51 -0.25 -12.90
C LEU D 6 17.69 -1.12 -12.49
N SER D 7 18.65 -0.52 -11.78
CA SER D 7 19.94 -1.15 -11.50
C SER D 7 20.16 -1.26 -9.99
N CYS D 8 21.06 -2.16 -9.60
CA CYS D 8 21.49 -2.30 -8.22
C CYS D 8 22.23 -1.03 -7.79
N LYS D 9 21.73 -0.37 -6.73
CA LYS D 9 22.29 0.89 -6.29
C LYS D 9 23.74 0.72 -5.89
N GLN D 10 24.08 -0.43 -5.28
CA GLN D 10 25.39 -0.63 -4.70
C GLN D 10 26.44 -0.72 -5.81
N CYS D 11 26.30 -1.70 -6.70
CA CYS D 11 27.31 -1.99 -7.71
C CYS D 11 27.01 -1.24 -9.02
N GLN D 12 25.72 -0.98 -9.28
CA GLN D 12 25.30 0.03 -10.25
C GLN D 12 25.22 -0.53 -11.67
N GLU D 13 26.02 -1.55 -11.99
CA GLU D 13 26.16 -2.02 -13.36
C GLU D 13 25.05 -3.01 -13.73
N THR D 14 24.38 -3.56 -12.72
CA THR D 14 23.51 -4.72 -12.89
C THR D 14 22.06 -4.28 -13.06
N GLU D 15 21.48 -4.57 -14.23
CA GLU D 15 20.06 -4.35 -14.48
C GLU D 15 19.26 -5.44 -13.78
N ILE D 16 18.32 -5.04 -12.93
CA ILE D 16 17.47 -5.97 -12.21
C ILE D 16 16.17 -6.16 -12.99
N THR D 17 15.44 -5.05 -13.20
CA THR D 17 14.16 -5.08 -13.89
C THR D 17 14.03 -3.83 -14.77
N THR D 18 12.90 -3.75 -15.48
CA THR D 18 12.56 -2.60 -16.31
C THR D 18 11.24 -2.02 -15.82
N LYS D 19 11.02 -0.72 -16.11
CA LYS D 19 9.87 0.02 -15.63
C LYS D 19 8.56 -0.59 -16.13
N ASN D 20 8.57 -1.19 -17.32
CA ASN D 20 7.35 -1.72 -17.92
C ASN D 20 7.09 -3.15 -17.46
N GLU D 21 7.75 -3.57 -16.36
CA GLU D 21 7.41 -4.79 -15.65
C GLU D 21 6.68 -4.45 -14.35
N ILE D 22 6.49 -3.16 -14.07
CA ILE D 22 5.75 -2.71 -12.90
C ILE D 22 4.29 -3.09 -13.07
N PHE D 23 3.63 -3.43 -11.96
CA PHE D 23 2.20 -3.76 -11.99
C PHE D 23 1.59 -3.56 -10.61
N SER D 24 0.25 -3.54 -10.59
CA SER D 24 -0.54 -3.48 -9.37
C SER D 24 -1.04 -4.88 -9.02
N LEU D 25 -0.78 -5.32 -7.79
CA LEU D 25 -1.35 -6.57 -7.28
C LEU D 25 -2.70 -6.28 -6.65
N SER D 26 -3.70 -7.12 -6.98
CA SER D 26 -5.09 -6.94 -6.57
C SER D 26 -5.47 -5.47 -6.63
N LEU D 27 -5.73 -4.84 -5.47
CA LEU D 27 -6.23 -3.47 -5.41
C LEU D 27 -5.16 -2.52 -4.87
N SER D 28 -3.95 -3.04 -4.61
CA SER D 28 -2.87 -2.19 -4.10
C SER D 28 -2.10 -1.61 -5.28
N GLY D 29 -1.66 -0.35 -5.13
CA GLY D 29 -0.88 0.33 -6.16
C GLY D 29 0.50 -0.30 -6.32
N PRO D 30 1.30 0.15 -7.31
CA PRO D 30 2.59 -0.48 -7.59
C PRO D 30 3.65 -0.18 -6.52
N MET D 31 3.57 1.01 -5.95
CA MET D 31 4.55 1.48 -4.97
C MET D 31 3.88 1.56 -3.60
N ALA D 32 3.99 0.47 -2.84
CA ALA D 32 3.40 0.38 -1.51
C ALA D 32 4.49 0.54 -0.45
N ALA D 33 4.06 0.52 0.81
CA ALA D 33 4.95 0.43 1.95
C ALA D 33 4.35 -0.53 2.96
N TYR D 34 5.18 -1.49 3.43
CA TYR D 34 4.73 -2.46 4.41
C TYR D 34 5.68 -2.42 5.60
N VAL D 35 5.19 -2.94 6.73
CA VAL D 35 5.96 -2.93 7.97
C VAL D 35 6.37 -4.37 8.31
N ASN D 36 7.62 -4.54 8.73
CA ASN D 36 8.19 -5.84 9.02
C ASN D 36 7.92 -6.17 10.48
N PRO D 37 8.21 -7.41 10.95
CA PRO D 37 7.88 -7.82 12.31
C PRO D 37 8.41 -6.90 13.41
N HIS D 38 9.60 -6.32 13.22
CA HIS D 38 10.20 -5.49 14.24
C HIS D 38 9.88 -4.00 14.01
N GLY D 39 8.90 -3.71 13.13
CA GLY D 39 8.24 -2.42 13.13
C GLY D 39 8.78 -1.44 12.09
N TYR D 40 9.77 -1.87 11.28
CA TYR D 40 10.35 -1.00 10.27
C TYR D 40 9.45 -0.98 9.03
N VAL D 41 9.27 0.22 8.48
CA VAL D 41 8.40 0.44 7.33
C VAL D 41 9.23 0.37 6.05
N HIS D 42 9.10 -0.76 5.33
CA HIS D 42 9.70 -0.95 4.02
C HIS D 42 8.88 -0.24 2.95
N GLU D 43 9.56 0.27 1.91
CA GLU D 43 8.90 0.84 0.75
C GLU D 43 9.25 0.01 -0.47
N THR D 44 8.25 -0.67 -1.05
CA THR D 44 8.46 -1.73 -2.01
C THR D 44 7.93 -1.33 -3.38
N LEU D 45 8.35 -2.10 -4.39
CA LEU D 45 7.89 -1.96 -5.77
C LEU D 45 7.60 -3.34 -6.33
N THR D 46 6.36 -3.59 -6.73
CA THR D 46 5.97 -4.87 -7.31
C THR D 46 6.27 -4.87 -8.80
N VAL D 47 7.00 -5.91 -9.25
CA VAL D 47 7.27 -6.11 -10.67
C VAL D 47 7.02 -7.58 -11.01
N TYR D 48 6.58 -7.81 -12.25
CA TYR D 48 6.29 -9.15 -12.73
C TYR D 48 7.57 -9.97 -12.87
N LYS D 49 8.66 -9.30 -13.30
CA LYS D 49 9.88 -10.00 -13.67
C LYS D 49 11.11 -9.22 -13.21
N ALA D 50 12.14 -9.97 -12.82
CA ALA D 50 13.45 -9.45 -12.52
C ALA D 50 14.49 -10.52 -12.83
N SER D 51 15.75 -10.10 -12.99
CA SER D 51 16.84 -11.03 -13.25
C SER D 51 18.10 -10.53 -12.57
N ASN D 52 19.17 -11.36 -12.63
CA ASN D 52 20.43 -11.10 -11.95
C ASN D 52 20.20 -11.11 -10.45
N LEU D 53 19.38 -12.07 -9.98
CA LEU D 53 19.07 -12.19 -8.57
C LEU D 53 19.31 -13.63 -8.13
N ASN D 54 20.14 -13.80 -7.10
CA ASN D 54 20.26 -15.06 -6.39
C ASN D 54 19.13 -15.12 -5.35
N LEU D 55 18.39 -16.23 -5.36
CA LEU D 55 17.44 -16.53 -4.30
C LEU D 55 18.16 -17.29 -3.20
N ILE D 56 17.64 -17.17 -1.98
CA ILE D 56 18.34 -17.63 -0.79
C ILE D 56 17.33 -18.04 0.26
N GLY D 57 17.24 -19.35 0.51
CA GLY D 57 16.39 -19.91 1.56
C GLY D 57 15.14 -20.56 0.98
N ARG D 58 14.28 -21.05 1.88
CA ARG D 58 12.96 -21.55 1.53
C ARG D 58 12.01 -20.38 1.35
N PRO D 59 10.93 -20.55 0.54
CA PRO D 59 9.76 -19.67 0.65
C PRO D 59 9.07 -19.80 2.01
N SER D 60 8.69 -18.67 2.59
CA SER D 60 8.03 -18.63 3.89
C SER D 60 6.81 -17.71 3.83
N THR D 61 5.76 -18.07 4.57
CA THR D 61 4.54 -17.28 4.63
C THR D 61 4.43 -16.57 5.98
N GLU D 62 5.50 -16.63 6.78
CA GLU D 62 5.56 -15.91 8.04
C GLU D 62 5.48 -14.42 7.77
N HIS D 63 4.39 -13.79 8.23
CA HIS D 63 4.26 -12.34 8.24
C HIS D 63 4.25 -11.82 6.80
N SER D 64 3.55 -12.54 5.91
CA SER D 64 3.53 -12.22 4.49
C SER D 64 2.73 -10.95 4.24
N TRP D 65 3.31 -10.05 3.41
CA TRP D 65 2.65 -8.81 3.04
C TRP D 65 1.59 -9.04 1.97
N PHE D 66 1.65 -10.19 1.30
CA PHE D 66 0.70 -10.55 0.27
C PHE D 66 0.05 -11.89 0.64
N PRO D 67 -1.10 -11.86 1.36
CA PRO D 67 -1.77 -13.10 1.75
C PRO D 67 -1.97 -14.07 0.59
N GLY D 68 -1.45 -15.29 0.75
CA GLY D 68 -1.53 -16.32 -0.28
C GLY D 68 -0.16 -16.60 -0.90
N TYR D 69 0.80 -15.67 -0.73
CA TYR D 69 2.12 -15.79 -1.30
C TYR D 69 3.15 -16.05 -0.21
N ALA D 70 4.20 -16.79 -0.56
CA ALA D 70 5.38 -16.94 0.27
C ALA D 70 6.49 -16.04 -0.26
N TRP D 71 7.44 -15.68 0.60
CA TRP D 71 8.56 -14.84 0.21
C TRP D 71 9.87 -15.61 0.37
N THR D 72 10.73 -15.48 -0.64
CA THR D 72 12.13 -15.88 -0.54
C THR D 72 12.98 -14.62 -0.75
N VAL D 73 14.08 -14.50 0.00
CA VAL D 73 14.92 -13.32 -0.06
C VAL D 73 15.67 -13.31 -1.39
N ALA D 74 15.89 -12.11 -1.94
CA ALA D 74 16.50 -11.94 -3.25
C ALA D 74 17.70 -11.01 -3.16
N GLN D 75 18.81 -11.42 -3.79
CA GLN D 75 20.09 -10.74 -3.69
C GLN D 75 20.68 -10.48 -5.08
N CYS D 76 21.41 -9.37 -5.20
CA CYS D 76 22.18 -9.06 -6.39
C CYS D 76 23.19 -10.19 -6.64
N LYS D 77 23.23 -10.68 -7.88
CA LYS D 77 24.19 -11.71 -8.30
C LYS D 77 25.63 -11.28 -8.02
N ILE D 78 25.91 -10.00 -8.22
CA ILE D 78 27.28 -9.51 -8.26
C ILE D 78 27.75 -9.17 -6.85
N CYS D 79 27.08 -8.21 -6.20
CA CYS D 79 27.58 -7.64 -4.97
C CYS D 79 26.87 -8.22 -3.74
N ALA D 80 25.90 -9.12 -3.96
CA ALA D 80 25.19 -9.81 -2.89
C ALA D 80 24.34 -8.85 -2.05
N SER D 81 24.06 -7.67 -2.58
CA SER D 81 23.21 -6.70 -1.90
C SER D 81 21.77 -7.20 -1.90
N HIS D 82 21.11 -7.14 -0.74
CA HIS D 82 19.71 -7.50 -0.63
C HIS D 82 18.89 -6.46 -1.38
N ILE D 83 18.16 -6.92 -2.41
CA ILE D 83 17.37 -6.03 -3.25
C ILE D 83 15.89 -6.15 -2.86
N GLY D 84 15.42 -7.37 -2.60
CA GLY D 84 14.02 -7.58 -2.24
C GLY D 84 13.71 -9.05 -2.01
N TRP D 85 12.46 -9.44 -2.34
CA TRP D 85 11.99 -10.81 -2.19
C TRP D 85 11.29 -11.26 -3.46
N LYS D 86 11.20 -12.59 -3.64
CA LYS D 86 10.40 -13.19 -4.69
C LYS D 86 9.17 -13.84 -4.05
N PHE D 87 7.99 -13.49 -4.56
CA PHE D 87 6.74 -14.00 -4.02
C PHE D 87 6.22 -15.12 -4.92
N THR D 88 5.82 -16.24 -4.29
CA THR D 88 5.34 -17.42 -5.00
C THR D 88 4.01 -17.85 -4.38
N ALA D 89 3.01 -18.08 -5.24
CA ALA D 89 1.68 -18.47 -4.81
C ALA D 89 1.71 -19.84 -4.16
N THR D 90 0.77 -20.09 -3.25
CA THR D 90 0.76 -21.30 -2.45
C THR D 90 -0.24 -22.31 -3.00
N LYS D 91 -1.07 -21.89 -3.97
CA LYS D 91 -1.98 -22.80 -4.66
C LYS D 91 -1.98 -22.48 -6.16
N LYS D 92 -2.30 -23.50 -6.97
CA LYS D 92 -2.08 -23.47 -8.40
C LYS D 92 -3.12 -22.61 -9.12
N ASP D 93 -4.13 -22.12 -8.38
CA ASP D 93 -5.24 -21.40 -8.98
C ASP D 93 -5.03 -19.89 -8.95
N MET D 94 -4.07 -19.42 -8.14
CA MET D 94 -3.85 -18.00 -7.97
C MET D 94 -3.22 -17.40 -9.23
N SER D 95 -3.26 -16.06 -9.32
CA SER D 95 -2.70 -15.35 -10.46
C SER D 95 -2.38 -13.89 -10.13
N PRO D 96 -1.13 -13.41 -10.31
CA PRO D 96 -0.05 -14.21 -10.88
C PRO D 96 0.46 -15.30 -9.95
N GLN D 97 1.26 -16.22 -10.51
CA GLN D 97 1.84 -17.31 -9.74
C GLN D 97 3.09 -16.82 -9.03
N LYS D 98 3.82 -15.88 -9.64
CA LYS D 98 4.98 -15.31 -8.99
C LYS D 98 5.21 -13.87 -9.47
N PHE D 99 5.85 -13.08 -8.59
CA PHE D 99 6.24 -11.72 -8.88
C PHE D 99 7.34 -11.34 -7.87
N TRP D 100 7.81 -10.09 -7.96
CA TRP D 100 8.90 -9.63 -7.11
C TRP D 100 8.49 -8.35 -6.40
N GLY D 101 8.75 -8.28 -5.09
CA GLY D 101 8.65 -7.05 -4.32
C GLY D 101 10.06 -6.54 -3.98
N LEU D 102 10.37 -5.33 -4.43
CA LEU D 102 11.74 -4.82 -4.40
C LEU D 102 11.83 -3.59 -3.50
N THR D 103 12.96 -3.47 -2.77
CA THR D 103 13.28 -2.30 -1.99
C THR D 103 13.64 -1.16 -2.95
N ARG D 104 12.85 -0.07 -2.92
CA ARG D 104 13.03 1.03 -3.84
C ARG D 104 14.36 1.74 -3.58
N SER D 105 14.81 1.71 -2.31
CA SER D 105 16.05 2.37 -1.91
C SER D 105 17.27 1.54 -2.32
N ALA D 106 17.06 0.37 -2.94
CA ALA D 106 18.14 -0.51 -3.33
C ALA D 106 18.34 -0.47 -4.85
N LEU D 107 17.70 0.48 -5.53
CA LEU D 107 17.67 0.50 -6.99
C LEU D 107 18.01 1.90 -7.51
N LEU D 108 18.28 1.99 -8.81
CA LEU D 108 18.65 3.24 -9.46
C LEU D 108 18.03 3.41 -10.84
N PRO D 109 17.35 4.55 -11.12
CA PRO D 109 17.12 5.59 -10.13
C PRO D 109 16.09 5.22 -9.08
N THR D 110 16.20 5.84 -7.90
CA THR D 110 15.21 5.66 -6.85
C THR D 110 13.96 6.47 -7.21
N ILE D 111 12.80 5.96 -6.80
CA ILE D 111 11.51 6.52 -7.20
C ILE D 111 10.51 6.34 -6.05
O1 A1CAW E . -30.95 33.64 -2.00
C1 A1CAW E . -31.27 32.77 -1.22
N1 A1CAW E . -31.95 33.06 -0.06
N2 A1CAW E . -30.99 31.45 -1.49
C2 A1CAW E . -30.30 31.09 -2.62
C3 A1CAW E . -30.50 30.04 -3.53
N3 A1CAW E . -29.50 29.93 -4.48
C4 A1CAW E . -28.58 30.86 -4.10
N4 A1CAW E . -29.02 31.53 -2.97
C5 A1CAW E . -28.25 32.54 -2.38
C6 A1CAW E . -27.06 32.89 -2.90
C7 A1CAW E . -26.57 32.22 -4.08
C8 A1CAW E . -27.29 31.23 -4.66
O2 A1CAW E . -26.75 30.66 -5.76
C9 A1CAW E . -25.52 31.40 -6.04
C10 A1CAW E . -25.27 32.38 -4.87
C11 A1CAW E . -25.06 33.83 -5.34
C12 A1CAW E . -23.71 34.01 -6.00
N5 A1CAW E . -22.61 33.60 -5.12
C13 A1CAW E . -22.75 32.20 -4.72
C14 A1CAW E . -24.07 31.95 -4.02
C15 A1CAW E . -31.26 30.35 -0.55
C16 A1CAW E . -32.13 30.74 0.62
C17 A1CAW E . -32.39 32.20 0.86
O3 A1CAW E . -33.00 32.59 1.84
ZN ZN F . -31.66 11.04 -1.49
O1 A1CAW G . 43.08 -15.06 -2.90
C1 A1CAW G . 42.27 -15.93 -3.22
N1 A1CAW G . 42.59 -16.84 -4.20
N2 A1CAW G . 41.07 -16.03 -2.58
C2 A1CAW G . 40.72 -15.12 -1.60
C3 A1CAW G . 40.08 -15.31 -0.37
N3 A1CAW G . 39.81 -14.14 0.31
C4 A1CAW G . 40.18 -13.16 -0.57
N4 A1CAW G . 40.69 -13.72 -1.74
C5 A1CAW G . 41.13 -12.93 -2.78
C6 A1CAW G . 41.09 -11.57 -2.70
C7 A1CAW G . 40.56 -10.94 -1.51
C8 A1CAW G . 40.11 -11.70 -0.49
O2 A1CAW G . 39.66 -11.02 0.59
C9 A1CAW G . 39.96 -9.61 0.34
C10 A1CAW G . 40.38 -9.48 -1.14
C11 A1CAW G . 41.65 -8.67 -1.36
C12 A1CAW G . 41.44 -7.18 -1.13
N5 A1CAW G . 40.37 -6.65 -1.97
C13 A1CAW G . 39.10 -7.36 -1.73
C14 A1CAW G . 39.24 -8.85 -1.97
C15 A1CAW G . 40.03 -16.99 -2.97
C16 A1CAW G . 40.50 -18.06 -3.95
C17 A1CAW G . 41.82 -17.87 -4.62
O3 A1CAW G . 42.21 -18.60 -5.51
ZN ZN H . 23.53 -23.65 4.60
O1 A1CAW I . -13.22 0.86 -4.59
C1 A1CAW I . -13.12 1.52 -3.57
N1 A1CAW I . -12.71 0.94 -2.39
N2 A1CAW I . -13.37 2.86 -3.58
C2 A1CAW I . -13.95 3.48 -4.70
C3 A1CAW I . -13.70 4.74 -5.26
N3 A1CAW I . -14.53 5.06 -6.32
C4 A1CAW I . -15.40 4.01 -6.38
N4 A1CAW I . -15.10 3.07 -5.40
C5 A1CAW I . -15.84 1.91 -5.24
C6 A1CAW I . -16.90 1.65 -6.04
C7 A1CAW I . -17.26 2.60 -7.08
C8 A1CAW I . -16.54 3.74 -7.25
O2 A1CAW I . -16.97 4.54 -8.24
C9 A1CAW I . -18.16 3.93 -8.83
C10 A1CAW I . -18.38 2.56 -8.11
C11 A1CAW I . -18.27 1.36 -9.06
C12 A1CAW I . -19.50 1.20 -9.92
N5 A1CAW I . -20.72 1.09 -9.12
C13 A1CAW I . -20.90 2.30 -8.30
C14 A1CAW I . -19.73 2.49 -7.36
C15 A1CAW I . -13.14 3.74 -2.42
C16 A1CAW I . -12.85 3.00 -1.13
C17 A1CAW I . -12.55 1.54 -1.21
O3 A1CAW I . -12.18 0.90 -0.23
ZN ZN J . -13.67 22.39 2.64
O1 A1CAW K . 7.57 -9.78 7.23
C1 A1CAW K . 7.91 -9.83 6.05
N1 A1CAW K . 7.00 -10.02 5.04
N2 A1CAW K . 9.25 -9.70 5.71
C2 A1CAW K . 10.26 -9.63 6.65
C3 A1CAW K . 11.42 -8.83 6.64
N3 A1CAW K . 12.28 -9.08 7.69
C4 A1CAW K . 11.73 -10.13 8.34
N4 A1CAW K . 10.54 -10.51 7.72
C5 A1CAW K . 9.79 -11.57 8.20
C6 A1CAW K . 10.18 -12.28 9.29
C7 A1CAW K . 11.41 -11.92 9.97
C8 A1CAW K . 12.16 -10.89 9.50
O2 A1CAW K . 13.29 -10.64 10.20
C9 A1CAW K . 13.32 -11.57 11.33
C10 A1CAW K . 12.11 -12.53 11.18
C11 A1CAW K . 11.20 -12.55 12.41
C12 A1CAW K . 11.80 -13.31 13.58
N5 A1CAW K . 12.18 -14.67 13.20
C13 A1CAW K . 13.14 -14.65 12.09
C14 A1CAW K . 12.56 -13.96 10.88
C15 A1CAW K . 9.71 -9.79 4.32
C16 A1CAW K . 8.60 -9.61 3.29
C17 A1CAW K . 7.23 -10.00 3.72
O3 A1CAW K . 6.35 -10.26 2.92
ZN ZN L . 24.83 -5.31 -6.97
#